data_1HLZ
#
_entry.id   1HLZ
#
_cell.length_a   35.867
_cell.length_b   39.603
_cell.length_c   58.565
_cell.angle_alpha   84.13
_cell.angle_beta   72.09
_cell.angle_gamma   70.20
#
_symmetry.space_group_name_H-M   'P 1'
#
loop_
_entity.id
_entity.type
_entity.pdbx_description
1 polymer "5'-D(*CP*AP*AP*CP*TP*AP*GP*GP*TP*CP*AP*CP*TP*AP*GP*GP*TP*CP*AP*G)-3'"
2 polymer "5'-D(*CP*TP*GP*AP*CP*CP*TP*AP*GP*TP*GP*AP*CP*CP*TP*AP*GP*TP*TP*G)-3'"
3 polymer 'ORPHAN NUCLEAR RECEPTOR NR1D1'
4 non-polymer 'ZINC ION'
5 water water
#
loop_
_entity_poly.entity_id
_entity_poly.type
_entity_poly.pdbx_seq_one_letter_code
_entity_poly.pdbx_strand_id
1 'polydeoxyribonucleotide' (DC)(DA)(DA)(DC)(DT)(DA)(DG)(DG)(DT)(DC)(DA)(DC)(DT)(DA)(DG)(DG)(DT)(DC)(DA)(DG) C
2 'polydeoxyribonucleotide' (DC)(DT)(DG)(DA)(DC)(DC)(DT)(DA)(DG)(DT)(DG)(DA)(DC)(DC)(DT)(DA)(DG)(DT)(DT)(DG) D
3 'polypeptide(L)'
;TKLNGMVLLCKVCGDVASGFHYGVLACEGCKGFFRRSIQQNIQYKRCLKNENCSIVRINRNRCQQCRFKKCLSVGMSRDA
VRFGRIPKREKQRM
;
A,B
#
# COMPACT_ATOMS: atom_id res chain seq x y z
N VAL C 7 -22.99 9.05 -1.37
CA VAL C 7 -22.46 9.26 0.00
C VAL C 7 -21.04 9.84 -0.07
N LEU C 8 -20.05 9.13 0.48
CA LEU C 8 -18.66 9.59 0.49
C LEU C 8 -18.17 10.03 -0.90
N LEU C 9 -17.63 11.23 -0.97
CA LEU C 9 -17.13 11.79 -2.23
C LEU C 9 -15.63 12.15 -2.21
N CYS C 10 -14.98 11.95 -3.36
CA CYS C 10 -13.54 12.22 -3.53
C CYS C 10 -13.01 13.54 -2.96
N LYS C 11 -12.01 13.44 -2.09
CA LYS C 11 -11.43 14.61 -1.47
C LYS C 11 -10.44 15.30 -2.39
N VAL C 12 -10.74 15.28 -3.67
CA VAL C 12 -9.87 15.91 -4.63
C VAL C 12 -10.65 16.76 -5.61
N CYS C 13 -11.67 16.16 -6.22
CA CYS C 13 -12.50 16.87 -7.19
C CYS C 13 -13.98 16.82 -6.82
N GLY C 14 -14.29 16.32 -5.63
CA GLY C 14 -15.67 16.27 -5.20
C GLY C 14 -16.53 15.17 -5.79
N ASP C 15 -16.08 14.52 -6.85
CA ASP C 15 -16.84 13.42 -7.47
C ASP C 15 -17.07 12.27 -6.48
N VAL C 16 -17.97 11.34 -6.82
CA VAL C 16 -18.26 10.20 -5.96
C VAL C 16 -17.02 9.33 -5.76
N ALA C 17 -16.69 9.05 -4.50
CA ALA C 17 -15.52 8.21 -4.20
C ALA C 17 -15.75 6.72 -4.55
N SER C 18 -14.76 6.10 -5.17
CA SER C 18 -14.87 4.67 -5.55
C SER C 18 -14.23 3.77 -4.51
N GLY C 19 -13.61 4.37 -3.50
CA GLY C 19 -12.97 3.58 -2.46
C GLY C 19 -11.90 4.38 -1.76
N PHE C 20 -11.27 3.75 -0.78
CA PHE C 20 -10.20 4.38 -0.02
C PHE C 20 -8.88 4.19 -0.76
N HIS C 21 -8.55 5.10 -1.67
CA HIS C 21 -7.33 4.97 -2.45
C HIS C 21 -6.15 5.80 -1.98
N TYR C 22 -4.93 5.30 -2.14
CA TYR C 22 -3.68 6.03 -1.76
C TYR C 22 -3.75 6.74 -0.43
N GLY C 23 -4.48 6.17 0.51
CA GLY C 23 -4.56 6.79 1.83
C GLY C 23 -5.64 7.86 1.89
N VAL C 24 -6.44 7.98 0.82
CA VAL C 24 -7.49 8.98 0.75
C VAL C 24 -8.74 8.47 0.02
N LEU C 25 -9.92 8.97 0.42
CA LEU C 25 -11.17 8.57 -0.26
C LEU C 25 -11.23 9.35 -1.58
N ALA C 26 -11.08 8.64 -2.70
CA ALA C 26 -11.06 9.26 -4.04
C ALA C 26 -11.83 8.54 -5.15
N CYS C 27 -11.95 9.23 -6.28
CA CYS C 27 -12.69 8.74 -7.44
C CYS C 27 -11.77 7.90 -8.32
N GLU C 28 -12.37 7.17 -9.25
CA GLU C 28 -11.56 6.34 -10.13
C GLU C 28 -10.67 7.22 -11.01
N GLY C 29 -11.08 8.46 -11.21
CA GLY C 29 -10.32 9.36 -12.06
C GLY C 29 -9.07 9.91 -11.42
N CYS C 30 -9.22 10.42 -10.21
CA CYS C 30 -8.08 10.98 -9.51
C CYS C 30 -7.14 9.84 -9.19
N LYS C 31 -7.70 8.72 -8.74
CA LYS C 31 -6.90 7.56 -8.42
C LYS C 31 -6.02 7.25 -9.64
N GLY C 32 -6.65 6.83 -10.74
CA GLY C 32 -5.91 6.50 -11.96
C GLY C 32 -4.90 7.57 -12.32
N PHE C 33 -5.32 8.82 -12.30
CA PHE C 33 -4.42 9.91 -12.62
C PHE C 33 -3.28 9.91 -11.62
N PHE C 34 -3.61 9.73 -10.34
CA PHE C 34 -2.57 9.76 -9.31
C PHE C 34 -1.49 8.74 -9.50
N ARG C 35 -1.85 7.48 -9.68
CA ARG C 35 -0.82 6.47 -9.86
C ARG C 35 -0.02 6.81 -11.10
N ARG C 36 -0.73 7.09 -12.19
CA ARG C 36 -0.13 7.45 -13.46
C ARG C 36 0.92 8.54 -13.25
N SER C 37 0.64 9.45 -12.32
CA SER C 37 1.55 10.54 -12.04
C SER C 37 2.83 10.17 -11.35
N ILE C 38 2.78 9.28 -10.36
CA ILE C 38 4.00 8.89 -9.65
C ILE C 38 4.82 7.80 -10.32
N GLN C 39 4.18 6.95 -11.12
CA GLN C 39 4.89 5.89 -11.80
C GLN C 39 5.78 6.51 -12.87
N GLN C 40 5.94 7.82 -12.82
CA GLN C 40 6.77 8.54 -13.78
C GLN C 40 6.90 9.97 -13.29
N ASN C 41 7.93 10.23 -12.49
CA ASN C 41 8.15 11.56 -11.95
C ASN C 41 8.01 12.67 -13.01
N ILE C 42 7.68 12.27 -14.24
CA ILE C 42 7.50 13.20 -15.36
C ILE C 42 6.62 14.40 -14.99
N GLN C 43 7.17 15.59 -15.16
CA GLN C 43 6.46 16.83 -14.84
C GLN C 43 5.47 17.29 -15.92
N TYR C 44 4.25 17.56 -15.48
CA TYR C 44 3.19 18.06 -16.35
C TYR C 44 3.56 19.52 -16.57
N LYS C 45 3.12 20.12 -17.69
CA LYS C 45 3.43 21.53 -17.97
C LYS C 45 3.01 22.41 -16.80
N ARG C 46 3.46 23.66 -16.78
CA ARG C 46 3.11 24.57 -15.69
C ARG C 46 1.69 25.12 -15.88
N CYS C 47 1.19 25.82 -14.86
CA CYS C 47 -0.15 26.38 -14.93
C CYS C 47 -0.16 27.90 -15.18
N LEU C 48 -0.95 28.29 -16.18
CA LEU C 48 -1.08 29.68 -16.60
C LEU C 48 -1.73 30.63 -15.57
N LYS C 49 -2.69 30.15 -14.78
CA LYS C 49 -3.38 31.01 -13.81
C LYS C 49 -2.99 30.88 -12.31
N ASN C 50 -1.94 31.62 -11.92
CA ASN C 50 -1.41 31.66 -10.54
C ASN C 50 -1.44 30.37 -9.70
N GLU C 51 -1.36 29.22 -10.37
CA GLU C 51 -1.36 27.88 -9.76
C GLU C 51 -2.13 27.64 -8.47
N ASN C 52 -3.41 28.02 -8.46
CA ASN C 52 -4.27 27.81 -7.30
C ASN C 52 -5.61 27.45 -7.91
N CYS C 53 -5.53 26.79 -9.06
CA CYS C 53 -6.69 26.35 -9.84
C CYS C 53 -7.66 25.46 -9.07
N SER C 54 -8.65 26.05 -8.39
CA SER C 54 -9.63 25.25 -7.64
C SER C 54 -10.12 24.09 -8.51
N ILE C 55 -10.03 22.85 -8.00
CA ILE C 55 -10.44 21.66 -8.76
C ILE C 55 -11.80 21.07 -8.37
N VAL C 56 -12.60 20.71 -9.37
CA VAL C 56 -13.91 20.08 -9.14
C VAL C 56 -14.24 19.07 -10.24
N ARG C 57 -15.27 18.26 -10.02
CA ARG C 57 -15.64 17.26 -11.00
C ARG C 57 -15.60 17.82 -12.42
N ILE C 58 -15.82 19.12 -12.55
CA ILE C 58 -15.86 19.75 -13.86
C ILE C 58 -14.54 20.22 -14.44
N ASN C 59 -13.76 20.92 -13.63
CA ASN C 59 -12.49 21.44 -14.11
C ASN C 59 -11.24 20.65 -13.73
N ARG C 60 -11.41 19.53 -13.04
CA ARG C 60 -10.25 18.73 -12.63
C ARG C 60 -9.22 18.53 -13.76
N ASN C 61 -9.67 18.03 -14.91
CA ASN C 61 -8.78 17.79 -16.04
C ASN C 61 -8.14 19.01 -16.67
N ARG C 62 -8.49 20.20 -16.18
CA ARG C 62 -7.95 21.45 -16.71
C ARG C 62 -6.50 21.64 -16.29
N CYS C 63 -6.27 21.59 -14.97
CA CYS C 63 -4.94 21.79 -14.42
C CYS C 63 -4.31 20.49 -13.92
N GLN C 64 -3.32 19.99 -14.67
CA GLN C 64 -2.63 18.76 -14.29
C GLN C 64 -1.68 19.04 -13.14
N GLN C 65 -0.88 20.09 -13.28
CA GLN C 65 0.09 20.45 -12.25
C GLN C 65 -0.56 20.83 -10.90
N CYS C 66 -1.83 21.21 -10.93
CA CYS C 66 -2.50 21.56 -9.69
C CYS C 66 -3.38 20.40 -9.25
N ARG C 67 -3.84 19.63 -10.22
CA ARG C 67 -4.63 18.46 -9.88
C ARG C 67 -3.64 17.66 -9.07
N PHE C 68 -2.50 17.37 -9.66
CA PHE C 68 -1.49 16.60 -8.98
C PHE C 68 -1.18 17.13 -7.56
N LYS C 69 -0.78 18.39 -7.44
CA LYS C 69 -0.44 18.94 -6.12
C LYS C 69 -1.54 18.73 -5.11
N LYS C 70 -2.78 18.96 -5.56
CA LYS C 70 -3.97 18.79 -4.74
C LYS C 70 -3.90 17.39 -4.13
N CYS C 71 -3.62 16.41 -4.98
CA CYS C 71 -3.49 15.01 -4.56
C CYS C 71 -2.51 14.94 -3.43
N LEU C 72 -1.33 15.51 -3.64
CA LEU C 72 -0.31 15.49 -2.61
C LEU C 72 -0.84 16.21 -1.40
N SER C 73 -1.42 17.38 -1.63
CA SER C 73 -1.97 18.19 -0.58
C SER C 73 -2.98 17.46 0.32
N VAL C 74 -3.91 16.73 -0.29
CA VAL C 74 -4.92 16.01 0.49
C VAL C 74 -4.33 14.85 1.29
N GLY C 75 -3.23 14.28 0.78
CA GLY C 75 -2.56 13.17 1.46
C GLY C 75 -2.27 11.88 0.69
N MET C 76 -2.63 11.79 -0.59
CA MET C 76 -2.40 10.57 -1.39
C MET C 76 -0.95 10.07 -1.52
N SER C 77 -0.64 8.93 -0.86
CA SER C 77 0.71 8.31 -0.93
C SER C 77 0.80 6.78 -1.09
N ARG C 78 2.00 6.34 -1.44
CA ARG C 78 2.29 4.93 -1.59
C ARG C 78 2.38 4.37 -0.20
N ASP C 79 2.78 5.22 0.72
CA ASP C 79 2.95 4.81 2.10
C ASP C 79 1.66 4.94 2.90
N ALA C 80 0.51 5.05 2.22
CA ALA C 80 -0.76 5.18 2.92
C ALA C 80 -1.83 4.21 2.48
N VAL C 81 -1.46 3.28 1.60
CA VAL C 81 -2.40 2.27 1.10
C VAL C 81 -2.89 1.34 2.20
N ARG C 82 -4.19 1.14 2.27
CA ARG C 82 -4.77 0.26 3.28
C ARG C 82 -5.43 -0.93 2.59
N PHE C 83 -4.66 -1.97 2.30
CA PHE C 83 -5.26 -3.13 1.65
C PHE C 83 -6.27 -3.76 2.59
N GLY C 84 -7.14 -4.58 2.03
CA GLY C 84 -8.08 -5.29 2.87
C GLY C 84 -9.49 -4.83 3.08
N ARG C 85 -9.99 -5.21 4.24
CA ARG C 85 -11.33 -4.89 4.65
C ARG C 85 -11.29 -3.67 5.52
N ILE C 86 -12.38 -2.92 5.46
CA ILE C 86 -12.52 -1.71 6.24
C ILE C 86 -12.69 -2.21 7.66
N PRO C 87 -11.79 -1.79 8.56
CA PRO C 87 -11.83 -2.20 9.97
C PRO C 87 -13.17 -1.87 10.67
N GLY D 5 6.08 -6.46 28.90
CA GLY D 5 6.84 -5.98 27.76
C GLY D 5 5.96 -5.93 26.49
N MET D 6 4.62 -5.82 26.72
CA MET D 6 3.41 -5.87 25.83
C MET D 6 3.46 -5.35 24.35
N VAL D 7 2.39 -5.72 23.65
CA VAL D 7 2.11 -5.43 22.23
C VAL D 7 3.21 -6.00 21.33
N LEU D 8 3.42 -7.33 21.40
CA LEU D 8 4.44 -7.98 20.58
C LEU D 8 4.30 -7.56 19.10
N LEU D 9 5.41 -7.59 18.35
CA LEU D 9 5.42 -7.19 16.95
C LEU D 9 5.63 -8.29 15.90
N CYS D 10 4.92 -8.16 14.78
CA CYS D 10 5.06 -9.10 13.67
C CYS D 10 6.54 -9.06 13.34
N LYS D 11 7.23 -10.19 13.49
CA LYS D 11 8.65 -10.20 13.22
C LYS D 11 9.10 -10.10 11.76
N VAL D 12 8.20 -9.64 10.89
CA VAL D 12 8.52 -9.44 9.47
C VAL D 12 8.41 -7.97 9.05
N CYS D 13 7.23 -7.36 9.25
CA CYS D 13 7.00 -5.96 8.88
C CYS D 13 6.87 -5.06 10.12
N GLY D 14 7.14 -5.63 11.29
CA GLY D 14 7.05 -4.87 12.52
C GLY D 14 5.64 -4.46 12.86
N ASP D 15 4.67 -4.74 12.00
CA ASP D 15 3.28 -4.38 12.28
C ASP D 15 2.92 -5.13 13.54
N VAL D 16 1.76 -4.81 14.10
CA VAL D 16 1.31 -5.48 15.31
C VAL D 16 1.15 -6.98 15.07
N ALA D 17 1.34 -7.76 16.13
CA ALA D 17 1.24 -9.21 16.05
C ALA D 17 -0.11 -9.71 16.58
N SER D 18 -0.84 -10.45 15.76
CA SER D 18 -2.11 -10.97 16.18
C SER D 18 -1.95 -12.33 16.85
N GLY D 19 -0.72 -12.85 16.89
CA GLY D 19 -0.47 -14.14 17.52
C GLY D 19 0.82 -14.83 17.08
N PHE D 20 1.04 -16.06 17.57
CA PHE D 20 2.22 -16.86 17.23
C PHE D 20 1.85 -17.79 16.09
N HIS D 21 2.08 -17.33 14.87
CA HIS D 21 1.74 -18.11 13.70
C HIS D 21 2.95 -18.73 12.97
N TYR D 22 2.88 -20.03 12.68
CA TYR D 22 3.91 -20.73 11.94
C TYR D 22 5.32 -20.75 12.53
N GLY D 23 5.41 -20.72 13.86
CA GLY D 23 6.70 -20.73 14.51
C GLY D 23 7.24 -19.37 14.91
N VAL D 24 6.53 -18.31 14.59
CA VAL D 24 7.00 -16.97 14.97
C VAL D 24 5.86 -15.95 15.18
N LEU D 25 6.12 -14.92 15.98
CA LEU D 25 5.11 -13.89 16.25
C LEU D 25 4.90 -13.11 14.93
N ALA D 26 3.65 -13.12 14.41
CA ALA D 26 3.33 -12.47 13.13
C ALA D 26 2.05 -11.66 13.14
N CYS D 27 1.77 -11.02 12.00
CA CYS D 27 0.57 -10.23 11.81
C CYS D 27 -0.39 -10.94 10.81
N GLU D 28 -1.69 -10.81 11.06
CA GLU D 28 -2.67 -11.43 10.19
C GLU D 28 -2.22 -11.32 8.75
N GLY D 29 -1.71 -10.16 8.38
CA GLY D 29 -1.27 -9.91 7.01
C GLY D 29 -0.17 -10.83 6.51
N CYS D 30 0.95 -10.84 7.21
CA CYS D 30 2.07 -11.68 6.87
C CYS D 30 1.62 -13.12 7.10
N LYS D 31 0.88 -13.34 8.19
CA LYS D 31 0.35 -14.66 8.52
C LYS D 31 -0.41 -15.26 7.34
N GLY D 32 -1.37 -14.51 6.82
CA GLY D 32 -2.14 -14.98 5.71
C GLY D 32 -1.20 -15.11 4.53
N PHE D 33 -0.41 -14.08 4.29
CA PHE D 33 0.51 -14.10 3.17
C PHE D 33 1.38 -15.34 3.11
N PHE D 34 1.73 -15.91 4.27
CA PHE D 34 2.57 -17.10 4.29
C PHE D 34 1.84 -18.38 3.86
N ARG D 35 0.84 -18.80 4.63
CA ARG D 35 0.10 -20.01 4.29
C ARG D 35 -0.38 -19.92 2.84
N ARG D 36 -0.41 -18.71 2.32
CA ARG D 36 -0.86 -18.50 0.97
C ARG D 36 0.28 -18.83 0.01
N SER D 37 1.50 -18.43 0.36
CA SER D 37 2.64 -18.69 -0.50
C SER D 37 3.01 -20.18 -0.60
N ILE D 38 3.11 -20.88 0.54
CA ILE D 38 3.45 -22.30 0.47
C ILE D 38 2.32 -23.19 -0.01
N GLN D 39 1.11 -22.98 0.49
CA GLN D 39 -0.02 -23.80 0.08
C GLN D 39 -0.32 -23.71 -1.42
N GLN D 40 0.62 -23.16 -2.19
CA GLN D 40 0.47 -23.06 -3.64
C GLN D 40 1.81 -23.20 -4.35
N ASN D 41 1.75 -23.39 -5.66
CA ASN D 41 2.96 -23.50 -6.47
C ASN D 41 3.50 -22.07 -6.66
N ILE D 42 2.71 -21.12 -6.15
CA ILE D 42 3.02 -19.68 -6.21
C ILE D 42 4.52 -19.42 -6.34
N GLN D 43 4.92 -18.86 -7.49
CA GLN D 43 6.32 -18.56 -7.77
C GLN D 43 6.42 -17.07 -8.16
N TYR D 44 6.50 -16.22 -7.15
CA TYR D 44 6.57 -14.76 -7.32
C TYR D 44 7.50 -14.24 -8.44
N LYS D 45 7.05 -13.21 -9.15
CA LYS D 45 7.83 -12.59 -10.22
C LYS D 45 9.07 -11.93 -9.61
N ARG D 46 10.25 -12.26 -10.17
CA ARG D 46 11.54 -11.76 -9.71
C ARG D 46 11.61 -10.33 -9.16
N CYS D 47 12.37 -10.17 -8.07
CA CYS D 47 12.56 -8.86 -7.40
C CYS D 47 13.15 -7.80 -8.32
N LEU D 48 12.92 -6.53 -8.02
CA LEU D 48 13.48 -5.48 -8.86
C LEU D 48 14.70 -4.78 -8.26
N LYS D 49 14.59 -4.23 -7.05
CA LYS D 49 15.71 -3.50 -6.44
C LYS D 49 16.73 -4.34 -5.64
N ASN D 50 17.58 -5.10 -6.32
CA ASN D 50 18.64 -5.91 -5.72
C ASN D 50 18.27 -6.78 -4.52
N GLU D 51 17.55 -7.88 -4.77
CA GLU D 51 17.21 -8.83 -3.74
C GLU D 51 18.12 -8.60 -2.54
N ASN D 52 17.41 -7.87 -1.68
CA ASN D 52 17.68 -7.40 -0.35
C ASN D 52 16.32 -6.92 0.04
N CYS D 53 15.30 -6.02 -0.30
CA CYS D 53 14.24 -5.07 -0.01
C CYS D 53 13.91 -5.05 1.46
N SER D 54 13.70 -3.85 2.00
CA SER D 54 13.35 -3.70 3.38
C SER D 54 11.88 -4.02 3.42
N ILE D 55 11.43 -4.62 4.52
CA ILE D 55 10.04 -4.96 4.68
C ILE D 55 9.53 -4.32 5.97
N VAL D 56 8.54 -3.46 5.83
CA VAL D 56 7.96 -2.78 6.97
C VAL D 56 6.47 -2.60 6.70
N ARG D 57 5.74 -2.09 7.68
CA ARG D 57 4.32 -1.90 7.48
C ARG D 57 3.95 -1.27 6.14
N ILE D 58 4.51 -0.10 5.85
CA ILE D 58 4.21 0.64 4.63
C ILE D 58 4.52 0.08 3.26
N ASN D 59 5.60 -0.67 3.16
CA ASN D 59 6.00 -1.18 1.87
C ASN D 59 5.89 -2.70 1.69
N ARG D 60 5.69 -3.44 2.77
CA ARG D 60 5.60 -4.89 2.72
C ARG D 60 4.97 -5.51 1.46
N ASN D 61 3.94 -4.84 0.93
CA ASN D 61 3.23 -5.33 -0.24
C ASN D 61 3.88 -5.04 -1.58
N ARG D 62 4.93 -4.24 -1.59
CA ARG D 62 5.57 -3.89 -2.84
C ARG D 62 6.35 -5.01 -3.49
N CYS D 63 7.32 -5.58 -2.77
CA CYS D 63 8.08 -6.69 -3.33
C CYS D 63 7.61 -7.98 -2.66
N GLN D 64 6.83 -8.77 -3.39
CA GLN D 64 6.33 -10.04 -2.84
C GLN D 64 7.51 -10.96 -2.59
N GLN D 65 8.44 -10.97 -3.53
CA GLN D 65 9.63 -11.78 -3.41
C GLN D 65 10.28 -11.63 -2.03
N CYS D 66 10.93 -10.50 -1.82
CA CYS D 66 11.58 -10.27 -0.55
C CYS D 66 10.68 -10.63 0.63
N ARG D 67 9.44 -10.17 0.64
CA ARG D 67 8.57 -10.49 1.76
C ARG D 67 8.69 -11.97 2.10
N PHE D 68 8.39 -12.84 1.14
CA PHE D 68 8.47 -14.28 1.37
C PHE D 68 9.86 -14.72 1.86
N LYS D 69 10.90 -14.14 1.29
CA LYS D 69 12.27 -14.44 1.70
C LYS D 69 12.32 -14.09 3.18
N LYS D 70 11.86 -12.89 3.48
CA LYS D 70 11.84 -12.41 4.85
C LYS D 70 11.18 -13.38 5.81
N CYS D 71 10.00 -13.87 5.45
CA CYS D 71 9.29 -14.82 6.31
C CYS D 71 10.19 -16.01 6.61
N LEU D 72 10.55 -16.71 5.54
CA LEU D 72 11.41 -17.89 5.62
C LEU D 72 12.66 -17.59 6.44
N SER D 73 13.18 -16.37 6.32
CA SER D 73 14.37 -15.94 7.05
C SER D 73 14.19 -15.63 8.54
N VAL D 74 12.96 -15.68 9.05
CA VAL D 74 12.74 -15.37 10.46
C VAL D 74 12.28 -16.63 11.19
N GLY D 75 11.97 -17.66 10.41
CA GLY D 75 11.56 -18.92 10.99
C GLY D 75 10.22 -19.48 10.54
N MET D 76 9.43 -18.70 9.85
CA MET D 76 8.15 -19.20 9.43
C MET D 76 8.37 -20.48 8.67
N SER D 77 7.56 -21.48 8.99
CA SER D 77 7.65 -22.78 8.35
C SER D 77 6.46 -23.58 8.83
N ARG D 78 5.95 -24.44 7.96
CA ARG D 78 4.80 -25.26 8.29
C ARG D 78 5.07 -26.25 9.42
N ASP D 79 6.32 -26.71 9.53
CA ASP D 79 6.72 -27.69 10.55
C ASP D 79 6.97 -27.14 11.95
N ALA D 80 6.86 -25.82 12.15
CA ALA D 80 7.12 -25.23 13.46
C ALA D 80 5.88 -24.62 14.12
N VAL D 81 4.72 -25.18 13.82
CA VAL D 81 3.45 -24.71 14.39
C VAL D 81 3.26 -25.13 15.85
N ARG D 82 2.74 -24.21 16.67
CA ARG D 82 2.54 -24.48 18.08
C ARG D 82 1.13 -24.10 18.57
N PHE D 83 0.21 -25.07 18.56
CA PHE D 83 -1.17 -24.84 19.01
C PHE D 83 -1.30 -24.71 20.52
N GLY D 84 -0.19 -24.83 21.25
CA GLY D 84 -0.20 -24.77 22.71
C GLY D 84 -0.94 -23.70 23.55
N ARG D 85 -0.23 -23.18 24.55
CA ARG D 85 -0.76 -22.17 25.47
C ARG D 85 0.22 -21.02 25.56
#